data_7SKZ
#
_entry.id   7SKZ
#
_cell.length_a   152.923
_cell.length_b   60.713
_cell.length_c   61.110
_cell.angle_alpha   90.000
_cell.angle_beta   93.620
_cell.angle_gamma   90.000
#
_symmetry.space_group_name_H-M   'C 1 2 1'
#
loop_
_entity.id
_entity.type
_entity.pdbx_description
1 polymer PRO-SER-LYS-ARG-SER-PHE-ILE-GLU-ASP-LEU-LEU-PHE-ASN
2 polymer 'Heavy chain of VN01H1 Fab'
3 polymer 'Light chain of VN01H1 Fab'
4 water water
#
loop_
_entity_poly.entity_id
_entity_poly.type
_entity_poly.pdbx_seq_one_letter_code
_entity_poly.pdbx_strand_id
1 'polypeptide(L)' PSKRSFIEDLLFN A
2 'polypeptide(L)'
;EVQLVESGGGLVLPGGSLRLSCSASGFTFSDFSMHWVRQSPGKGLEYVSAITSSGSSTYYPDSVKGRFTISRDNSKNTLY
LQMGSLRVEDTAVYWCVKNSDVFRFPHLYFDVWGRGTLVTVSSASTKGPSVFPLAPSSKSTSGGTAALGCLVKDYFPEPV
TVSWNSGALTSGVHTFPAVLQSSGLYSLSSVVTVPSSSLGTQTYICNVNHKPSNTKVDKRVEPKSC
;
H
3 'polypeptide(L)'
;DIVMTQSPATLSVSPGDRATLSCRASQSVSSNLAWYQQKPGQAPRLLIYGASTRAAGIPARFSGSGSGTEFTLTISSLQS
EDFAVYYCQQYDNWPSITFGQGTRLEIKRTVAAPSVFIFPPSDEQLKSGTASVVCLLNNFYPREAKVQWKVDNALQSGNS
QESVTEQDSKDSTYSLSSTLTLSKADYEKHKVYACEVTHQGLSSPVTKSFNRGEC
;
L
#
# COMPACT_ATOMS: atom_id res chain seq x y z
N SER A 2 22.73 -0.14 31.83
CA SER A 2 21.47 0.26 32.44
C SER A 2 20.66 -0.94 32.89
N LYS A 3 19.65 -0.69 33.73
CA LYS A 3 18.82 -1.78 34.23
C LYS A 3 18.11 -2.50 33.10
N ARG A 4 17.67 -1.76 32.08
CA ARG A 4 16.96 -2.39 30.96
C ARG A 4 17.88 -3.27 30.14
N SER A 5 19.08 -2.78 29.83
CA SER A 5 20.04 -3.56 29.06
C SER A 5 20.26 -4.94 29.67
N PHE A 6 20.37 -5.01 31.00
CA PHE A 6 20.64 -6.28 31.66
C PHE A 6 19.49 -7.26 31.47
N ILE A 7 18.26 -6.78 31.59
CA ILE A 7 17.11 -7.68 31.42
C ILE A 7 16.98 -8.09 29.96
N GLU A 8 17.23 -7.16 29.05
CA GLU A 8 17.13 -7.49 27.62
C GLU A 8 18.20 -8.49 27.23
N ASP A 9 19.40 -8.39 27.81
CA ASP A 9 20.42 -9.40 27.58
C ASP A 9 19.96 -10.78 28.03
N LEU A 10 19.30 -10.85 29.20
CA LEU A 10 18.79 -12.13 29.67
C LEU A 10 17.85 -12.75 28.63
N LEU A 11 17.01 -11.91 28.02
CA LEU A 11 16.04 -12.40 27.04
C LEU A 11 16.70 -12.75 25.70
N PHE A 12 17.70 -11.96 25.29
CA PHE A 12 18.38 -12.23 24.02
C PHE A 12 19.27 -13.47 24.11
N ASN A 13 19.68 -13.87 25.32
CA ASN A 13 20.58 -15.00 25.50
C ASN A 13 19.89 -16.16 26.22
N GLU B 1 4.96 14.18 18.47
CA GLU B 1 4.57 12.78 18.61
C GLU B 1 5.75 11.86 18.29
N VAL B 2 5.55 10.55 18.51
CA VAL B 2 6.60 9.58 18.21
C VAL B 2 6.66 9.36 16.71
N GLN B 3 7.88 9.20 16.18
CA GLN B 3 8.07 8.98 14.75
C GLN B 3 9.27 8.07 14.53
N LEU B 4 9.15 7.22 13.50
CA LEU B 4 10.28 6.45 12.97
C LEU B 4 10.36 6.78 11.48
N VAL B 5 11.45 7.43 11.07
CA VAL B 5 11.59 7.89 9.69
C VAL B 5 12.63 7.01 9.01
N GLU B 6 12.18 6.23 8.03
CA GLU B 6 13.05 5.28 7.35
C GLU B 6 13.69 5.90 6.12
N SER B 7 14.98 5.63 5.92
CA SER B 7 15.70 6.02 4.72
C SER B 7 16.48 4.82 4.18
N GLY B 8 16.92 4.93 2.94
CA GLY B 8 17.64 3.86 2.28
C GLY B 8 16.77 3.04 1.36
N GLY B 9 17.33 1.92 0.92
CA GLY B 9 16.57 0.94 0.15
C GLY B 9 16.68 1.15 -1.36
N GLY B 10 15.66 0.65 -2.06
CA GLY B 10 15.61 0.76 -3.50
C GLY B 10 16.05 -0.53 -4.19
N LEU B 11 16.72 -0.38 -5.33
CA LEU B 11 17.13 -1.52 -6.15
C LEU B 11 18.55 -1.92 -5.78
N VAL B 12 18.79 -3.24 -5.74
CA VAL B 12 20.14 -3.76 -5.49
C VAL B 12 20.32 -5.06 -6.27
N LEU B 13 21.55 -5.29 -6.72
CA LEU B 13 21.86 -6.47 -7.51
C LEU B 13 21.88 -7.72 -6.63
N PRO B 14 21.55 -8.89 -7.20
CA PRO B 14 21.70 -10.13 -6.43
C PRO B 14 23.13 -10.27 -5.93
N GLY B 15 23.25 -10.68 -4.67
CA GLY B 15 24.56 -10.77 -4.03
C GLY B 15 25.13 -9.44 -3.59
N GLY B 16 24.40 -8.34 -3.78
CA GLY B 16 24.88 -7.02 -3.44
C GLY B 16 24.65 -6.69 -1.98
N SER B 17 24.97 -5.44 -1.64
CA SER B 17 24.91 -4.96 -0.27
C SER B 17 24.05 -3.70 -0.21
N LEU B 18 23.45 -3.47 0.96
CA LEU B 18 22.54 -2.34 1.14
C LEU B 18 22.34 -2.05 2.62
N ARG B 19 22.39 -0.78 3.01
CA ARG B 19 22.16 -0.40 4.41
C ARG B 19 20.89 0.44 4.49
N LEU B 20 20.01 0.05 5.41
CA LEU B 20 18.81 0.81 5.72
C LEU B 20 19.05 1.60 7.01
N SER B 21 18.38 2.74 7.13
CA SER B 21 18.48 3.61 8.29
C SER B 21 17.08 3.95 8.79
N CYS B 22 16.99 4.23 10.09
CA CYS B 22 15.72 4.65 10.68
C CYS B 22 16.02 5.58 11.85
N SER B 23 15.61 6.85 11.73
CA SER B 23 15.83 7.84 12.78
C SER B 23 14.58 7.98 13.64
N ALA B 24 14.79 8.04 14.94
CA ALA B 24 13.70 8.06 15.91
C ALA B 24 13.57 9.42 16.56
N SER B 25 12.32 9.84 16.79
CA SER B 25 12.05 11.07 17.51
C SER B 25 10.75 10.91 18.29
N GLY B 26 10.61 11.68 19.37
CA GLY B 26 9.43 11.67 20.20
C GLY B 26 9.49 10.75 21.41
N PHE B 27 10.58 10.01 21.57
CA PHE B 27 10.73 9.14 22.72
C PHE B 27 12.21 8.98 23.01
N THR B 28 12.51 8.37 24.16
CA THR B 28 13.89 8.07 24.55
C THR B 28 14.32 6.82 23.81
N PHE B 29 15.03 7.02 22.69
CA PHE B 29 15.39 5.91 21.81
C PHE B 29 16.21 4.86 22.54
N SER B 30 17.18 5.28 23.35
CA SER B 30 18.07 4.37 24.07
C SER B 30 17.38 3.56 25.16
N ASP B 31 16.08 3.76 25.39
CA ASP B 31 15.34 2.96 26.36
C ASP B 31 14.67 1.74 25.75
N PHE B 32 14.62 1.62 24.43
CA PHE B 32 13.79 0.60 23.80
C PHE B 32 14.58 -0.26 22.83
N SER B 33 14.29 -1.55 22.86
CA SER B 33 14.80 -2.47 21.85
C SER B 33 14.07 -2.23 20.53
N MET B 34 14.74 -2.55 19.43
CA MET B 34 14.19 -2.37 18.10
C MET B 34 14.27 -3.66 17.31
N HIS B 35 13.30 -3.86 16.41
CA HIS B 35 13.29 -4.94 15.43
C HIS B 35 13.26 -4.35 14.02
N TRP B 36 13.87 -5.06 13.08
CA TRP B 36 13.50 -4.93 11.68
C TRP B 36 12.56 -6.08 11.36
N VAL B 37 11.44 -5.74 10.74
CA VAL B 37 10.43 -6.71 10.33
C VAL B 37 10.22 -6.54 8.84
N ARG B 38 10.21 -7.63 8.09
CA ARG B 38 9.97 -7.48 6.66
C ARG B 38 8.67 -8.16 6.26
N GLN B 39 8.18 -7.80 5.08
CA GLN B 39 6.88 -8.25 4.62
C GLN B 39 6.97 -8.51 3.12
N SER B 40 6.58 -9.70 2.70
CA SER B 40 6.67 -10.09 1.30
C SER B 40 5.66 -11.19 1.04
N PRO B 41 5.38 -11.50 -0.24
CA PRO B 41 4.37 -12.52 -0.55
C PRO B 41 4.77 -13.91 -0.09
N GLY B 42 3.75 -14.66 0.35
CA GLY B 42 3.97 -16.01 0.83
C GLY B 42 4.48 -16.05 2.26
N LYS B 43 5.66 -15.47 2.50
CA LYS B 43 6.20 -15.44 3.85
C LYS B 43 5.44 -14.48 4.77
N GLY B 44 4.76 -13.49 4.22
CA GLY B 44 4.04 -12.53 5.05
C GLY B 44 4.97 -11.69 5.90
N LEU B 45 4.51 -11.37 7.12
CA LEU B 45 5.31 -10.60 8.06
C LEU B 45 6.25 -11.50 8.84
N GLU B 46 7.51 -11.09 8.94
CA GLU B 46 8.48 -11.89 9.68
C GLU B 46 9.62 -10.99 10.11
N TYR B 47 10.09 -11.15 11.34
CA TYR B 47 11.21 -10.33 11.77
C TYR B 47 12.50 -10.88 11.18
N VAL B 48 13.46 -9.99 10.93
CA VAL B 48 14.76 -10.40 10.42
C VAL B 48 15.90 -10.03 11.34
N SER B 49 15.69 -9.16 12.33
CA SER B 49 16.78 -8.84 13.26
C SER B 49 16.19 -8.08 14.44
N ALA B 50 16.91 -8.15 15.56
CA ALA B 50 16.50 -7.48 16.79
C ALA B 50 17.76 -7.06 17.54
N ILE B 51 17.65 -5.95 18.29
CA ILE B 51 18.78 -5.43 19.04
C ILE B 51 18.27 -4.82 20.35
N THR B 52 19.08 -4.92 21.39
CA THR B 52 18.69 -4.40 22.70
C THR B 52 18.76 -2.86 22.71
N SER B 53 18.28 -2.30 23.82
CA SER B 53 18.20 -0.84 23.93
C SER B 53 19.57 -0.19 23.79
N SER B 54 20.61 -0.83 24.33
CA SER B 54 21.97 -0.31 24.29
C SER B 54 22.78 -0.84 23.11
N GLY B 55 22.21 -1.73 22.29
CA GLY B 55 23.01 -2.44 21.31
C GLY B 55 23.83 -3.58 21.88
N SER B 56 23.63 -3.93 23.15
CA SER B 56 24.50 -4.90 23.82
C SER B 56 24.36 -6.31 23.25
N SER B 57 23.17 -6.66 22.75
CA SER B 57 22.98 -7.97 22.14
C SER B 57 22.12 -7.84 20.89
N THR B 58 22.33 -8.76 19.95
CA THR B 58 21.51 -8.85 18.75
C THR B 58 20.94 -10.26 18.61
N TYR B 59 19.87 -10.37 17.85
CA TYR B 59 19.16 -11.63 17.65
C TYR B 59 18.77 -11.71 16.18
N TYR B 60 19.11 -12.83 15.54
CA TYR B 60 18.76 -13.01 14.13
C TYR B 60 18.12 -14.37 13.91
N PRO B 61 17.12 -14.47 13.04
CA PRO B 61 16.66 -15.78 12.60
C PRO B 61 17.69 -16.43 11.69
N ASP B 62 17.57 -17.76 11.56
CA ASP B 62 18.56 -18.52 10.80
C ASP B 62 18.62 -18.10 9.33
N SER B 63 17.50 -17.60 8.78
CA SER B 63 17.46 -17.32 7.34
C SER B 63 18.41 -16.19 6.94
N VAL B 64 18.68 -15.25 7.84
CA VAL B 64 19.47 -14.07 7.52
C VAL B 64 20.79 -14.03 8.24
N LYS B 65 21.07 -14.98 9.14
CA LYS B 65 22.28 -14.93 9.93
C LYS B 65 23.51 -15.02 9.02
N GLY B 66 24.53 -14.22 9.33
CA GLY B 66 25.70 -14.12 8.49
C GLY B 66 25.57 -13.21 7.29
N ARG B 67 24.37 -12.67 7.03
CA ARG B 67 24.13 -11.77 5.90
C ARG B 67 23.60 -10.41 6.31
N PHE B 68 22.74 -10.36 7.34
CA PHE B 68 22.16 -9.12 7.83
C PHE B 68 22.79 -8.75 9.16
N THR B 69 23.05 -7.46 9.36
CA THR B 69 23.60 -6.99 10.62
C THR B 69 22.78 -5.79 11.11
N ILE B 70 22.22 -5.91 12.30
CA ILE B 70 21.49 -4.82 12.93
C ILE B 70 22.43 -4.08 13.87
N SER B 71 22.28 -2.75 13.95
CA SER B 71 23.11 -1.92 14.81
C SER B 71 22.38 -0.61 15.05
N ARG B 72 22.84 0.12 16.07
CA ARG B 72 22.20 1.37 16.41
C ARG B 72 23.24 2.35 16.88
N ASP B 73 22.97 3.63 16.63
CA ASP B 73 23.77 4.73 17.15
C ASP B 73 22.83 5.57 18.02
N ASN B 74 22.88 5.37 19.34
CA ASN B 74 21.98 6.12 20.20
C ASN B 74 22.40 7.57 20.35
N SER B 75 23.55 7.96 19.79
CA SER B 75 23.93 9.37 19.78
C SER B 75 23.16 10.12 18.71
N LYS B 76 22.92 9.49 17.57
CA LYS B 76 22.11 10.09 16.51
C LYS B 76 20.70 9.51 16.46
N ASN B 77 20.32 8.75 17.49
CA ASN B 77 19.01 8.11 17.57
C ASN B 77 18.65 7.40 16.25
N THR B 78 19.54 6.53 15.80
CA THR B 78 19.38 5.89 14.50
C THR B 78 19.60 4.39 14.62
N LEU B 79 18.71 3.63 13.99
CA LEU B 79 18.83 2.19 13.86
C LEU B 79 19.26 1.86 12.43
N TYR B 80 20.15 0.88 12.28
CA TYR B 80 20.65 0.47 10.98
C TYR B 80 20.36 -1.00 10.72
N LEU B 81 20.30 -1.36 9.44
CA LEU B 81 20.29 -2.76 9.00
C LEU B 81 21.22 -2.87 7.81
N GLN B 82 22.37 -3.49 8.00
CA GLN B 82 23.31 -3.76 6.92
C GLN B 82 22.94 -5.09 6.26
N MET B 83 22.55 -5.03 4.99
CA MET B 83 22.11 -6.21 4.24
C MET B 83 23.18 -6.59 3.23
N GLY B 84 23.74 -7.81 3.37
CA GLY B 84 24.74 -8.30 2.45
C GLY B 84 24.31 -9.62 1.83
N SER B 85 25.06 -10.04 0.81
CA SER B 85 24.80 -11.30 0.11
C SER B 85 23.33 -11.43 -0.25
N LEU B 86 22.75 -10.33 -0.73
CA LEU B 86 21.31 -10.26 -0.91
C LEU B 86 20.85 -11.30 -1.92
N ARG B 87 19.65 -11.82 -1.68
CA ARG B 87 19.07 -12.89 -2.46
C ARG B 87 17.79 -12.41 -3.13
N VAL B 88 17.44 -13.08 -4.22
CA VAL B 88 16.16 -12.82 -4.87
C VAL B 88 15.02 -12.90 -3.87
N GLU B 89 15.11 -13.83 -2.92
CA GLU B 89 14.07 -13.98 -1.91
C GLU B 89 14.00 -12.81 -0.93
N ASP B 90 15.03 -11.95 -0.90
CA ASP B 90 15.07 -10.89 0.10
C ASP B 90 14.29 -9.66 -0.30
N THR B 91 13.75 -9.60 -1.52
CA THR B 91 12.85 -8.52 -1.89
C THR B 91 11.67 -8.49 -0.93
N ALA B 92 11.42 -7.31 -0.35
CA ALA B 92 10.39 -7.16 0.67
C ALA B 92 10.30 -5.69 1.05
N VAL B 93 9.19 -5.35 1.69
CA VAL B 93 9.08 -4.08 2.42
C VAL B 93 9.71 -4.30 3.78
N TYR B 94 10.64 -3.43 4.16
CA TYR B 94 11.37 -3.58 5.42
C TYR B 94 10.89 -2.50 6.38
N TRP B 95 10.34 -2.94 7.52
CA TRP B 95 9.77 -2.06 8.54
C TRP B 95 10.74 -1.89 9.70
N CYS B 96 10.96 -0.63 10.07
CA CYS B 96 11.57 -0.25 11.34
C CYS B 96 10.48 -0.31 12.42
N VAL B 97 10.75 -1.00 13.54
CA VAL B 97 9.69 -1.25 14.52
C VAL B 97 10.24 -1.10 15.93
N LYS B 98 9.52 -0.36 16.77
CA LYS B 98 9.90 -0.12 18.16
C LYS B 98 9.14 -1.05 19.09
N ASN B 99 9.85 -1.63 20.05
CA ASN B 99 9.21 -2.44 21.09
C ASN B 99 8.74 -1.59 22.27
N SER B 100 7.75 -2.10 22.99
CA SER B 100 7.40 -1.57 24.29
C SER B 100 8.58 -1.72 25.27
N ASP B 101 8.50 -0.97 26.36
CA ASP B 101 9.48 -1.02 27.44
C ASP B 101 9.60 -2.44 27.98
N VAL B 102 10.84 -2.91 28.16
CA VAL B 102 11.08 -4.25 28.69
C VAL B 102 10.56 -4.39 30.13
N PHE B 103 10.41 -3.28 30.85
CA PHE B 103 9.79 -3.35 32.16
C PHE B 103 8.36 -3.86 32.11
N ARG B 104 7.76 -3.92 30.93
CA ARG B 104 6.43 -4.49 30.76
C ARG B 104 6.46 -6.02 30.61
N PHE B 105 7.62 -6.65 30.77
CA PHE B 105 7.76 -8.09 30.54
C PHE B 105 6.64 -8.85 31.26
N PRO B 106 6.02 -9.84 30.60
CA PRO B 106 6.40 -10.43 29.31
C PRO B 106 5.89 -9.70 28.07
N HIS B 107 5.18 -8.59 28.24
CA HIS B 107 4.47 -7.99 27.12
C HIS B 107 5.40 -7.03 26.38
N LEU B 108 6.17 -7.61 25.45
CA LEU B 108 7.11 -6.90 24.60
C LEU B 108 6.54 -6.95 23.20
N TYR B 109 5.86 -5.88 22.82
CA TYR B 109 5.06 -5.82 21.61
C TYR B 109 5.50 -4.61 20.79
N PHE B 110 5.00 -4.53 19.57
CA PHE B 110 5.40 -3.50 18.63
C PHE B 110 4.38 -2.37 18.69
N ASP B 111 4.73 -1.26 19.34
CA ASP B 111 3.75 -0.18 19.38
C ASP B 111 3.99 0.93 18.37
N VAL B 112 5.19 1.05 17.78
CA VAL B 112 5.45 2.09 16.78
C VAL B 112 6.19 1.50 15.59
N TRP B 113 5.71 1.79 14.38
CA TRP B 113 6.28 1.31 13.13
C TRP B 113 6.62 2.50 12.23
N GLY B 114 7.77 2.41 11.58
CA GLY B 114 8.08 3.31 10.49
C GLY B 114 7.20 3.05 9.27
N ARG B 115 7.43 3.83 8.21
CA ARG B 115 6.60 3.74 7.02
C ARG B 115 7.08 2.71 6.02
N GLY B 116 8.17 2.03 6.30
CA GLY B 116 8.56 0.93 5.42
C GLY B 116 9.41 1.39 4.25
N THR B 117 10.32 0.50 3.84
CA THR B 117 11.17 0.71 2.68
C THR B 117 11.09 -0.54 1.81
N LEU B 118 10.81 -0.37 0.52
CA LEU B 118 10.74 -1.50 -0.41
C LEU B 118 12.14 -1.75 -0.98
N VAL B 119 12.69 -2.92 -0.69
CA VAL B 119 13.98 -3.34 -1.25
C VAL B 119 13.71 -4.35 -2.35
N THR B 120 14.21 -4.07 -3.54
CA THR B 120 14.01 -4.92 -4.71
C THR B 120 15.36 -5.46 -5.16
N VAL B 121 15.55 -6.78 -5.01
CA VAL B 121 16.76 -7.46 -5.43
C VAL B 121 16.54 -7.96 -6.85
N SER B 122 17.31 -7.42 -7.79
CA SER B 122 17.11 -7.69 -9.21
C SER B 122 18.35 -7.27 -9.97
N SER B 123 18.70 -8.03 -11.00
CA SER B 123 19.82 -7.66 -11.85
C SER B 123 19.42 -6.64 -12.93
N ALA B 124 18.16 -6.29 -13.04
CA ALA B 124 17.73 -5.30 -14.02
C ALA B 124 18.11 -3.89 -13.59
N SER B 125 18.05 -2.96 -14.54
CA SER B 125 18.44 -1.57 -14.32
C SER B 125 17.24 -0.73 -13.91
N THR B 126 17.52 0.35 -13.20
CA THR B 126 16.45 1.24 -12.77
C THR B 126 16.04 2.15 -13.93
N LYS B 127 14.76 2.51 -13.94
CA LYS B 127 14.21 3.35 -15.01
C LYS B 127 13.15 4.24 -14.39
N GLY B 128 13.32 5.56 -14.53
CA GLY B 128 12.39 6.52 -13.99
C GLY B 128 11.17 6.68 -14.88
N PRO B 129 10.08 7.19 -14.32
CA PRO B 129 8.81 7.22 -15.07
C PRO B 129 8.70 8.45 -15.96
N SER B 130 7.87 8.29 -17.00
CA SER B 130 7.26 9.42 -17.69
C SER B 130 5.91 9.70 -17.05
N VAL B 131 5.58 10.98 -16.88
CA VAL B 131 4.35 11.39 -16.21
C VAL B 131 3.51 12.19 -17.18
N PHE B 132 2.32 11.69 -17.50
CA PHE B 132 1.45 12.33 -18.48
C PHE B 132 0.15 12.79 -17.82
N PRO B 133 -0.38 13.95 -18.21
CA PRO B 133 -1.63 14.42 -17.60
C PRO B 133 -2.80 13.59 -18.10
N LEU B 134 -3.74 13.36 -17.20
CA LEU B 134 -5.05 12.82 -17.57
C LEU B 134 -5.99 14.04 -17.47
N ALA B 135 -6.08 14.79 -18.57
CA ALA B 135 -6.69 16.13 -18.50
C ALA B 135 -8.20 16.04 -18.32
N PRO B 136 -8.81 16.90 -17.51
CA PRO B 136 -10.27 16.93 -17.46
C PRO B 136 -10.82 17.51 -18.76
N SER B 137 -12.01 17.05 -19.14
CA SER B 137 -12.69 17.47 -20.36
C SER B 137 -14.16 17.12 -20.21
N SER B 138 -14.95 17.43 -21.24
CA SER B 138 -16.34 16.98 -21.24
C SER B 138 -16.46 15.46 -21.17
N LYS B 139 -15.38 14.73 -21.44
CA LYS B 139 -15.42 13.28 -21.39
C LYS B 139 -15.13 12.73 -19.99
N SER B 140 -14.79 13.59 -19.03
CA SER B 140 -14.52 13.17 -17.66
C SER B 140 -15.29 14.02 -16.65
N THR B 141 -16.47 14.50 -17.01
CA THR B 141 -17.33 15.22 -16.09
C THR B 141 -18.64 14.48 -15.92
N SER B 142 -19.26 14.66 -14.75
CA SER B 142 -20.59 14.14 -14.51
C SER B 142 -21.21 14.78 -13.27
N GLY B 143 -22.45 15.24 -13.38
CA GLY B 143 -23.20 15.67 -12.21
C GLY B 143 -22.59 16.83 -11.46
N GLY B 144 -21.84 17.68 -12.15
CA GLY B 144 -21.17 18.81 -11.53
C GLY B 144 -19.75 18.55 -11.09
N THR B 145 -19.27 17.32 -11.22
CA THR B 145 -17.92 16.95 -10.82
C THR B 145 -17.10 16.59 -12.06
N ALA B 146 -15.78 16.74 -11.95
CA ALA B 146 -14.86 16.47 -13.04
C ALA B 146 -13.73 15.62 -12.51
N ALA B 147 -13.32 14.61 -13.29
CA ALA B 147 -12.19 13.78 -12.94
C ALA B 147 -10.95 14.20 -13.73
N LEU B 148 -9.78 14.10 -13.09
CA LEU B 148 -8.53 14.41 -13.75
C LEU B 148 -7.47 13.52 -13.11
N GLY B 149 -6.25 13.53 -13.64
CA GLY B 149 -5.25 12.69 -13.02
C GLY B 149 -3.90 12.77 -13.69
N CYS B 150 -3.07 11.80 -13.33
CA CYS B 150 -1.76 11.63 -13.94
C CYS B 150 -1.54 10.15 -14.21
N LEU B 151 -0.98 9.88 -15.39
CA LEU B 151 -0.52 8.55 -15.81
C LEU B 151 0.99 8.50 -15.62
N VAL B 152 1.44 7.58 -14.78
CA VAL B 152 2.84 7.45 -14.41
C VAL B 152 3.33 6.15 -15.04
N LYS B 153 4.09 6.26 -16.12
CA LYS B 153 4.29 5.15 -17.05
C LYS B 153 5.75 4.77 -17.18
N ASP B 154 6.02 3.46 -17.22
CA ASP B 154 7.31 2.88 -17.60
C ASP B 154 8.41 3.12 -16.58
N TYR B 155 8.23 2.68 -15.34
CA TYR B 155 9.31 2.77 -14.37
C TYR B 155 9.62 1.38 -13.81
N PHE B 156 10.78 1.30 -13.16
CA PHE B 156 11.21 0.07 -12.50
C PHE B 156 12.31 0.45 -11.53
N PRO B 157 12.33 -0.13 -10.31
CA PRO B 157 11.29 -0.99 -9.76
C PRO B 157 10.21 -0.16 -9.11
N GLU B 158 9.25 -0.80 -8.45
CA GLU B 158 8.38 -0.09 -7.51
C GLU B 158 9.21 0.43 -6.35
N PRO B 159 8.72 1.44 -5.61
CA PRO B 159 7.43 2.12 -5.78
C PRO B 159 7.58 3.53 -6.33
N VAL B 160 6.48 4.10 -6.82
CA VAL B 160 6.37 5.54 -7.00
C VAL B 160 5.42 6.06 -5.93
N THR B 161 5.73 7.23 -5.40
CA THR B 161 4.81 7.95 -4.55
C THR B 161 4.17 9.09 -5.34
N VAL B 162 2.87 9.27 -5.17
CA VAL B 162 2.10 10.32 -5.83
C VAL B 162 1.37 11.12 -4.76
N SER B 163 1.59 12.42 -4.75
CA SER B 163 0.74 13.31 -3.98
C SER B 163 0.17 14.36 -4.93
N TRP B 164 -0.79 15.12 -4.43
CA TRP B 164 -1.49 16.13 -5.23
C TRP B 164 -1.37 17.47 -4.51
N ASN B 165 -0.91 18.49 -5.23
CA ASN B 165 -0.73 19.84 -4.70
C ASN B 165 0.14 19.83 -3.44
N SER B 166 1.22 19.06 -3.49
CA SER B 166 2.20 18.96 -2.40
C SER B 166 1.56 18.47 -1.10
N GLY B 167 0.49 17.68 -1.22
CA GLY B 167 -0.18 17.09 -0.09
C GLY B 167 -1.38 17.87 0.41
N ALA B 168 -1.61 19.06 -0.16
CA ALA B 168 -2.78 19.83 0.26
C ALA B 168 -4.06 19.21 -0.28
N LEU B 169 -3.97 18.31 -1.26
CA LEU B 169 -5.16 17.72 -1.87
C LEU B 169 -5.12 16.22 -1.65
N THR B 170 -6.05 15.73 -0.83
CA THR B 170 -6.10 14.30 -0.50
C THR B 170 -7.51 13.76 -0.70
N SER B 171 -8.52 14.58 -0.45
CA SER B 171 -9.89 14.10 -0.57
C SER B 171 -10.20 13.75 -2.03
N GLY B 172 -10.82 12.58 -2.23
CA GLY B 172 -11.24 12.19 -3.56
C GLY B 172 -10.17 11.61 -4.46
N VAL B 173 -8.95 11.36 -3.95
CA VAL B 173 -7.86 10.82 -4.74
C VAL B 173 -7.94 9.30 -4.75
N HIS B 174 -7.69 8.69 -5.91
CA HIS B 174 -7.48 7.25 -6.00
C HIS B 174 -6.16 7.03 -6.74
N THR B 175 -5.14 6.55 -6.03
CA THR B 175 -3.86 6.20 -6.64
C THR B 175 -3.84 4.69 -6.77
N PHE B 176 -3.84 4.20 -7.99
CA PHE B 176 -4.15 2.80 -8.26
C PHE B 176 -2.93 1.90 -8.06
N PRO B 177 -3.16 0.61 -7.77
CA PRO B 177 -2.07 -0.36 -7.83
C PRO B 177 -1.46 -0.33 -9.22
N ALA B 178 -0.14 -0.39 -9.28
CA ALA B 178 0.57 -0.44 -10.54
C ALA B 178 0.26 -1.72 -11.31
N VAL B 179 0.39 -1.66 -12.63
CA VAL B 179 0.34 -2.88 -13.43
C VAL B 179 1.73 -3.15 -13.96
N LEU B 180 2.01 -4.43 -14.23
CA LEU B 180 3.28 -4.87 -14.77
C LEU B 180 3.10 -5.01 -16.29
N GLN B 181 3.79 -4.16 -17.04
CA GLN B 181 3.67 -4.22 -18.50
C GLN B 181 4.50 -5.37 -19.04
N SER B 182 4.17 -5.80 -20.26
CA SER B 182 4.93 -6.89 -20.87
C SER B 182 6.40 -6.54 -21.02
N SER B 183 6.76 -5.25 -20.94
CA SER B 183 8.16 -4.84 -20.94
C SER B 183 8.89 -5.11 -19.62
N GLY B 184 8.17 -5.53 -18.57
CA GLY B 184 8.75 -5.60 -17.26
C GLY B 184 8.79 -4.27 -16.52
N LEU B 185 8.29 -3.21 -17.14
CA LEU B 185 8.15 -1.92 -16.48
C LEU B 185 6.74 -1.77 -15.93
N TYR B 186 6.61 -0.89 -14.94
CA TYR B 186 5.35 -0.65 -14.27
C TYR B 186 4.70 0.60 -14.83
N SER B 187 3.38 0.65 -14.71
CA SER B 187 2.59 1.83 -15.03
C SER B 187 1.50 1.97 -13.99
N LEU B 188 1.19 3.21 -13.60
CA LEU B 188 0.19 3.47 -12.58
C LEU B 188 -0.54 4.76 -12.94
N SER B 189 -1.76 4.87 -12.47
CA SER B 189 -2.51 6.10 -12.60
C SER B 189 -3.00 6.57 -11.23
N SER B 190 -3.12 7.88 -11.11
CA SER B 190 -3.60 8.54 -9.92
C SER B 190 -4.59 9.60 -10.38
N VAL B 191 -5.80 9.58 -9.83
CA VAL B 191 -6.89 10.42 -10.29
C VAL B 191 -7.51 11.11 -9.09
N VAL B 192 -8.24 12.19 -9.37
CA VAL B 192 -8.96 12.91 -8.33
C VAL B 192 -10.21 13.51 -8.95
N THR B 193 -11.29 13.56 -8.18
CA THR B 193 -12.53 14.18 -8.60
CA THR B 193 -12.53 14.18 -8.60
C THR B 193 -12.69 15.51 -7.86
N VAL B 194 -12.95 16.57 -8.61
CA VAL B 194 -12.99 17.95 -8.09
C VAL B 194 -14.24 18.64 -8.63
N PRO B 195 -14.59 19.84 -8.15
CA PRO B 195 -15.76 20.52 -8.73
C PRO B 195 -15.47 20.92 -10.18
N SER B 196 -16.47 20.68 -11.03
CA SER B 196 -16.37 21.20 -12.40
C SER B 196 -16.30 22.70 -12.40
N SER B 197 -16.91 23.34 -11.40
CA SER B 197 -17.07 24.79 -11.42
CA SER B 197 -17.07 24.79 -11.42
C SER B 197 -15.75 25.53 -11.22
N SER B 198 -14.76 24.92 -10.60
CA SER B 198 -13.55 25.66 -10.24
C SER B 198 -12.34 25.26 -11.08
N LEU B 199 -12.53 24.51 -12.16
CA LEU B 199 -11.41 24.15 -13.02
C LEU B 199 -10.65 25.38 -13.51
N GLY B 200 -11.33 26.51 -13.66
CA GLY B 200 -10.70 27.73 -14.13
C GLY B 200 -10.00 28.56 -13.08
N THR B 201 -10.24 28.28 -11.79
CA THR B 201 -9.59 29.01 -10.70
C THR B 201 -8.62 28.18 -9.87
N GLN B 202 -8.80 26.86 -9.81
CA GLN B 202 -7.92 26.00 -9.03
C GLN B 202 -6.82 25.41 -9.91
N THR B 203 -5.69 25.08 -9.27
N THR B 203 -5.69 25.08 -9.27
CA THR B 203 -4.54 24.50 -9.93
CA THR B 203 -4.53 24.50 -9.92
C THR B 203 -4.27 23.12 -9.35
C THR B 203 -4.27 23.12 -9.35
N TYR B 204 -4.16 22.12 -10.22
CA TYR B 204 -3.96 20.72 -9.84
C TYR B 204 -2.64 20.21 -10.39
N ILE B 205 -1.74 19.82 -9.49
CA ILE B 205 -0.40 19.36 -9.82
C ILE B 205 -0.21 18.01 -9.12
N CYS B 206 0.16 16.99 -9.89
CA CYS B 206 0.54 15.71 -9.28
C CYS B 206 2.03 15.73 -9.05
N ASN B 207 2.43 15.38 -7.83
CA ASN B 207 3.83 15.29 -7.44
C ASN B 207 4.22 13.81 -7.45
N VAL B 208 5.16 13.44 -8.31
CA VAL B 208 5.54 12.04 -8.50
C VAL B 208 6.99 11.90 -8.07
N ASN B 209 7.28 10.89 -7.25
CA ASN B 209 8.63 10.64 -6.81
C ASN B 209 8.95 9.16 -6.99
N HIS B 210 10.03 8.88 -7.71
CA HIS B 210 10.52 7.51 -7.90
C HIS B 210 11.88 7.44 -7.23
N LYS B 211 11.87 7.13 -5.93
CA LYS B 211 13.10 7.12 -5.16
C LYS B 211 14.16 6.16 -5.70
N PRO B 212 13.82 4.95 -6.20
CA PRO B 212 14.88 4.07 -6.71
C PRO B 212 15.70 4.70 -7.84
N SER B 213 15.10 5.55 -8.66
CA SER B 213 15.83 6.23 -9.72
C SER B 213 16.04 7.71 -9.44
N ASN B 214 15.68 8.18 -8.23
CA ASN B 214 15.81 9.60 -7.88
C ASN B 214 15.23 10.51 -8.97
N THR B 215 14.01 10.19 -9.37
CA THR B 215 13.25 10.94 -10.37
C THR B 215 12.05 11.57 -9.68
N LYS B 216 11.99 12.90 -9.67
CA LYS B 216 10.88 13.62 -9.07
C LYS B 216 10.28 14.53 -10.13
N VAL B 217 8.97 14.42 -10.32
CA VAL B 217 8.29 15.13 -11.40
C VAL B 217 7.01 15.73 -10.85
N ASP B 218 6.84 17.03 -11.07
CA ASP B 218 5.59 17.71 -10.82
C ASP B 218 4.95 18.02 -12.17
N LYS B 219 3.74 17.54 -12.38
CA LYS B 219 3.02 17.75 -13.64
C LYS B 219 1.73 18.50 -13.35
N ARG B 220 1.59 19.68 -13.95
CA ARG B 220 0.36 20.45 -13.85
C ARG B 220 -0.65 19.93 -14.86
N VAL B 221 -1.86 19.66 -14.41
CA VAL B 221 -2.89 19.01 -15.22
C VAL B 221 -3.90 20.07 -15.61
N GLU B 222 -3.93 20.44 -16.89
CA GLU B 222 -4.79 21.51 -17.40
C GLU B 222 -6.00 20.93 -18.12
N PRO B 223 -7.17 21.56 -17.99
CA PRO B 223 -8.34 21.11 -18.74
C PRO B 223 -8.10 21.10 -20.25
N LYS B 224 -8.77 20.17 -20.93
CA LYS B 224 -8.72 20.10 -22.39
C LYS B 224 -9.97 20.69 -23.01
N SER B 225 -9.81 21.29 -24.18
CA SER B 225 -10.89 22.00 -24.87
C SER B 225 -11.74 21.05 -25.72
N CYS B 226 -12.26 20.03 -25.06
CA CYS B 226 -13.22 19.10 -25.68
C CYS B 226 -14.13 18.50 -24.61
N ASP C 1 9.61 -23.82 15.49
CA ASP C 1 9.13 -22.50 15.86
C ASP C 1 7.64 -22.53 16.17
N ILE C 2 7.12 -21.49 16.82
CA ILE C 2 5.69 -21.40 17.06
C ILE C 2 5.00 -20.86 15.82
N VAL C 3 4.01 -21.60 15.34
CA VAL C 3 3.27 -21.26 14.13
C VAL C 3 1.92 -20.68 14.54
N MET C 4 1.63 -19.47 14.04
CA MET C 4 0.36 -18.81 14.28
C MET C 4 -0.52 -19.00 13.05
N THR C 5 -1.73 -19.51 13.26
CA THR C 5 -2.65 -19.79 12.15
C THR C 5 -3.95 -19.02 12.37
N GLN C 6 -4.26 -18.13 11.44
CA GLN C 6 -5.47 -17.33 11.53
C GLN C 6 -6.54 -17.88 10.62
N SER C 7 -7.79 -17.61 11.00
CA SER C 7 -8.93 -17.99 10.21
C SER C 7 -10.05 -17.01 10.51
N PRO C 8 -10.95 -16.77 9.54
CA PRO C 8 -10.83 -17.27 8.17
C PRO C 8 -9.82 -16.45 7.38
N ALA C 9 -9.51 -16.87 6.16
CA ALA C 9 -8.59 -16.08 5.34
C ALA C 9 -9.20 -14.73 4.98
N THR C 10 -10.51 -14.71 4.74
CA THR C 10 -11.23 -13.52 4.38
C THR C 10 -12.63 -13.61 4.96
N LEU C 11 -13.20 -12.46 5.28
CA LEU C 11 -14.62 -12.40 5.64
C LEU C 11 -15.18 -11.05 5.25
N SER C 12 -16.49 -11.03 5.04
CA SER C 12 -17.21 -9.88 4.52
C SER C 12 -18.38 -9.60 5.45
N VAL C 13 -18.35 -8.45 6.13
CA VAL C 13 -19.31 -8.15 7.18
C VAL C 13 -19.93 -6.79 6.94
N SER C 14 -21.23 -6.66 7.23
CA SER C 14 -21.95 -5.41 7.02
C SER C 14 -21.60 -4.40 8.12
N PRO C 15 -21.66 -3.10 7.81
CA PRO C 15 -21.40 -2.09 8.84
C PRO C 15 -22.42 -2.23 9.96
N GLY C 16 -21.96 -1.97 11.17
CA GLY C 16 -22.79 -2.09 12.36
C GLY C 16 -22.80 -3.47 12.97
N ASP C 17 -22.35 -4.48 12.23
CA ASP C 17 -22.35 -5.84 12.72
C ASP C 17 -21.03 -6.14 13.42
N ARG C 18 -20.92 -7.36 13.92
CA ARG C 18 -19.81 -7.77 14.77
C ARG C 18 -19.00 -8.83 14.01
N ALA C 19 -17.71 -8.58 13.85
CA ALA C 19 -16.80 -9.49 13.17
C ALA C 19 -15.98 -10.28 14.19
N THR C 20 -15.79 -11.58 13.90
CA THR C 20 -15.03 -12.47 14.78
C THR C 20 -13.85 -13.04 14.00
N LEU C 21 -12.64 -12.72 14.46
CA LEU C 21 -11.39 -13.16 13.83
C LEU C 21 -10.65 -14.09 14.78
N SER C 22 -10.11 -15.20 14.25
CA SER C 22 -9.53 -16.24 15.08
C SER C 22 -8.04 -16.41 14.76
N CYS C 23 -7.29 -16.80 15.80
CA CYS C 23 -5.85 -17.00 15.74
C CYS C 23 -5.51 -18.17 16.65
N ARG C 24 -4.83 -19.18 16.12
CA ARG C 24 -4.45 -20.38 16.85
C ARG C 24 -2.94 -20.52 16.87
N ALA C 25 -2.37 -20.73 18.05
CA ALA C 25 -0.94 -20.95 18.23
C ALA C 25 -0.65 -22.44 18.28
N SER C 26 0.47 -22.86 17.66
CA SER C 26 0.78 -24.29 17.57
C SER C 26 1.14 -24.88 18.93
N GLN C 27 1.60 -24.05 19.86
CA GLN C 27 1.81 -24.43 21.25
C GLN C 27 1.43 -23.24 22.11
N SER C 28 1.28 -23.47 23.41
CA SER C 28 0.79 -22.42 24.29
C SER C 28 1.73 -21.22 24.30
N VAL C 29 1.16 -20.01 24.17
CA VAL C 29 1.90 -18.77 24.32
C VAL C 29 1.35 -17.95 25.50
N SER C 30 0.63 -18.60 26.41
CA SER C 30 -0.04 -17.92 27.51
C SER C 30 -0.90 -16.78 26.98
N SER C 31 -0.66 -15.57 27.46
CA SER C 31 -1.32 -14.38 26.92
C SER C 31 -0.35 -13.49 26.18
N ASN C 32 0.76 -14.04 25.69
CA ASN C 32 1.80 -13.23 25.08
C ASN C 32 1.52 -13.09 23.59
N LEU C 33 0.40 -12.40 23.31
CA LEU C 33 -0.15 -12.26 21.96
C LEU C 33 -0.62 -10.84 21.70
N ALA C 34 -0.34 -10.33 20.50
CA ALA C 34 -0.79 -9.02 20.08
C ALA C 34 -1.55 -9.10 18.76
N TRP C 35 -2.47 -8.15 18.58
CA TRP C 35 -3.20 -7.98 17.32
C TRP C 35 -2.80 -6.66 16.66
N TYR C 36 -2.68 -6.67 15.33
CA TYR C 36 -2.34 -5.48 14.55
C TYR C 36 -3.33 -5.33 13.41
N GLN C 37 -3.58 -4.09 13.03
CA GLN C 37 -4.44 -3.75 11.91
C GLN C 37 -3.59 -3.09 10.83
N GLN C 38 -3.61 -3.62 9.62
CA GLN C 38 -2.81 -3.06 8.54
C GLN C 38 -3.70 -2.78 7.34
N LYS C 39 -3.86 -1.50 7.00
CA LYS C 39 -4.45 -1.06 5.75
C LYS C 39 -3.40 -1.08 4.63
N PRO C 40 -3.82 -1.28 3.36
CA PRO C 40 -2.84 -1.50 2.30
C PRO C 40 -1.88 -0.33 2.18
N GLY C 41 -0.60 -0.66 2.02
CA GLY C 41 0.44 0.36 1.93
C GLY C 41 0.69 1.15 3.19
N GLN C 42 0.20 0.70 4.34
CA GLN C 42 0.47 1.37 5.61
C GLN C 42 1.15 0.41 6.56
N ALA C 43 1.72 0.96 7.63
CA ALA C 43 2.32 0.10 8.62
C ALA C 43 1.23 -0.57 9.46
N PRO C 44 1.48 -1.79 9.95
CA PRO C 44 0.54 -2.37 10.91
C PRO C 44 0.39 -1.45 12.12
N ARG C 45 -0.82 -1.39 12.65
CA ARG C 45 -1.11 -0.58 13.84
C ARG C 45 -1.53 -1.49 14.98
N LEU C 46 -0.90 -1.31 16.14
CA LEU C 46 -1.20 -2.15 17.30
C LEU C 46 -2.61 -1.88 17.80
N LEU C 47 -3.41 -2.93 17.96
CA LEU C 47 -4.76 -2.85 18.54
C LEU C 47 -4.79 -3.35 19.98
N ILE C 48 -4.27 -4.55 20.20
CA ILE C 48 -4.40 -5.28 21.46
C ILE C 48 -3.04 -5.87 21.78
N TYR C 49 -2.69 -5.91 23.06
CA TYR C 49 -1.53 -6.67 23.51
C TYR C 49 -1.92 -7.46 24.76
N GLY C 50 -1.12 -8.45 25.10
CA GLY C 50 -1.48 -9.31 26.22
C GLY C 50 -2.75 -10.07 25.97
N ALA C 51 -3.04 -10.40 24.71
CA ALA C 51 -4.24 -11.12 24.29
C ALA C 51 -5.49 -10.27 24.42
N SER C 52 -5.60 -9.46 25.49
CA SER C 52 -6.88 -8.83 25.76
C SER C 52 -6.76 -7.39 26.27
N THR C 53 -5.58 -6.78 26.27
CA THR C 53 -5.45 -5.40 26.72
C THR C 53 -5.43 -4.47 25.52
N ARG C 54 -6.44 -3.59 25.44
CA ARG C 54 -6.56 -2.69 24.31
C ARG C 54 -5.50 -1.58 24.40
N ALA C 55 -4.82 -1.33 23.29
CA ALA C 55 -3.77 -0.32 23.28
C ALA C 55 -4.37 1.08 23.40
N ALA C 56 -3.57 2.00 23.95
CA ALA C 56 -4.03 3.36 24.15
C ALA C 56 -4.53 3.97 22.85
N GLY C 57 -5.68 4.66 22.94
CA GLY C 57 -6.26 5.34 21.80
C GLY C 57 -6.97 4.47 20.80
N ILE C 58 -7.21 3.20 21.12
CA ILE C 58 -7.89 2.28 20.20
C ILE C 58 -9.37 2.25 20.55
N PRO C 59 -10.28 2.33 19.57
CA PRO C 59 -11.70 2.34 19.89
C PRO C 59 -12.14 1.10 20.67
N ALA C 60 -13.13 1.30 21.55
CA ALA C 60 -13.63 0.26 22.43
C ALA C 60 -14.25 -0.93 21.69
N ARG C 61 -14.67 -0.74 20.44
CA ARG C 61 -15.32 -1.81 19.68
C ARG C 61 -14.34 -2.90 19.26
N PHE C 62 -13.02 -2.67 19.40
CA PHE C 62 -12.01 -3.71 19.21
C PHE C 62 -11.75 -4.42 20.54
N SER C 63 -11.92 -5.73 20.54
CA SER C 63 -11.81 -6.49 21.78
C SER C 63 -11.08 -7.82 21.52
N GLY C 64 -10.06 -8.10 22.34
CA GLY C 64 -9.29 -9.32 22.24
C GLY C 64 -9.61 -10.23 23.42
N SER C 65 -9.46 -11.53 23.20
CA SER C 65 -9.73 -12.49 24.28
C SER C 65 -9.00 -13.79 23.96
N GLY C 66 -8.82 -14.61 24.99
CA GLY C 66 -8.14 -15.85 24.77
C GLY C 66 -6.86 -15.99 25.57
N SER C 67 -6.41 -17.23 25.72
CA SER C 67 -5.19 -17.52 26.48
C SER C 67 -4.76 -18.94 26.15
N GLY C 68 -3.46 -19.15 26.01
CA GLY C 68 -2.98 -20.46 25.67
C GLY C 68 -2.76 -20.60 24.18
N THR C 69 -3.69 -21.26 23.48
CA THR C 69 -3.56 -21.50 22.05
C THR C 69 -4.66 -20.90 21.19
N GLU C 70 -5.82 -20.51 21.74
CA GLU C 70 -6.96 -20.07 20.95
C GLU C 70 -7.27 -18.62 21.28
N PHE C 71 -7.11 -17.74 20.29
CA PHE C 71 -7.27 -16.31 20.51
C PHE C 71 -8.29 -15.74 19.54
N THR C 72 -9.04 -14.73 20.02
CA THR C 72 -10.14 -14.14 19.26
C THR C 72 -10.03 -12.63 19.27
N LEU C 73 -10.22 -12.01 18.10
CA LEU C 73 -10.39 -10.58 17.98
C LEU C 73 -11.83 -10.34 17.56
N THR C 74 -12.55 -9.55 18.33
CA THR C 74 -13.93 -9.20 18.05
C THR C 74 -13.99 -7.71 17.70
N ILE C 75 -14.62 -7.38 16.57
CA ILE C 75 -14.83 -5.99 16.17
C ILE C 75 -16.33 -5.76 16.11
N SER C 76 -16.85 -4.97 17.03
CA SER C 76 -18.27 -4.68 17.08
C SER C 76 -18.56 -3.38 16.35
N SER C 77 -19.84 -3.16 16.05
CA SER C 77 -20.28 -1.93 15.40
C SER C 77 -19.33 -1.55 14.26
N LEU C 78 -19.14 -2.51 13.36
CA LEU C 78 -18.13 -2.40 12.32
C LEU C 78 -18.34 -1.16 11.45
N GLN C 79 -17.24 -0.47 11.14
CA GLN C 79 -17.26 0.73 10.32
C GLN C 79 -16.50 0.49 9.01
N SER C 80 -16.85 1.28 7.99
CA SER C 80 -16.13 1.19 6.72
C SER C 80 -14.63 1.37 6.94
N GLU C 81 -14.24 2.19 7.93
CA GLU C 81 -12.83 2.38 8.24
C GLU C 81 -12.16 1.11 8.78
N ASP C 82 -12.93 0.09 9.16
CA ASP C 82 -12.28 -1.10 9.69
C ASP C 82 -11.81 -2.05 8.59
N PHE C 83 -11.96 -1.67 7.32
CA PHE C 83 -11.34 -2.45 6.25
C PHE C 83 -9.84 -2.50 6.47
N ALA C 84 -9.29 -3.71 6.51
CA ALA C 84 -7.86 -3.94 6.73
C ALA C 84 -7.58 -5.44 6.73
N VAL C 85 -6.29 -5.75 6.78
CA VAL C 85 -5.84 -7.11 7.12
C VAL C 85 -5.42 -7.10 8.58
N TYR C 86 -5.89 -8.07 9.34
CA TYR C 86 -5.62 -8.15 10.77
C TYR C 86 -4.66 -9.28 11.04
N TYR C 87 -3.57 -8.98 11.75
CA TYR C 87 -2.58 -9.99 12.10
C TYR C 87 -2.57 -10.22 13.60
N CYS C 88 -2.37 -11.47 14.01
CA CYS C 88 -1.93 -11.76 15.35
C CYS C 88 -0.42 -12.01 15.36
N GLN C 89 0.17 -11.82 16.53
CA GLN C 89 1.60 -12.01 16.75
C GLN C 89 1.82 -12.57 18.15
N GLN C 90 2.59 -13.65 18.25
CA GLN C 90 3.04 -14.15 19.55
C GLN C 90 4.44 -13.61 19.84
N TYR C 91 4.65 -13.18 21.09
CA TYR C 91 5.95 -12.74 21.56
C TYR C 91 6.36 -13.52 22.81
N ASP C 92 5.88 -14.76 22.90
CA ASP C 92 6.19 -15.61 24.05
C ASP C 92 7.69 -15.90 24.14
N ASN C 93 8.39 -15.91 23.01
CA ASN C 93 9.83 -16.14 22.98
C ASN C 93 10.61 -14.89 22.59
N TRP C 94 10.10 -13.71 22.94
CA TRP C 94 10.72 -12.45 22.55
C TRP C 94 12.19 -12.44 22.94
N PRO C 95 13.10 -11.95 22.07
CA PRO C 95 12.90 -11.19 20.83
C PRO C 95 12.54 -12.01 19.59
N SER C 96 12.52 -13.33 19.72
CA SER C 96 12.01 -14.17 18.64
C SER C 96 10.49 -14.12 18.66
N ILE C 97 9.89 -13.75 17.52
CA ILE C 97 8.44 -13.58 17.42
C ILE C 97 8.00 -14.15 16.09
N THR C 98 6.71 -14.48 15.99
CA THR C 98 6.13 -14.89 14.73
C THR C 98 4.74 -14.28 14.59
N PHE C 99 4.36 -14.01 13.34
CA PHE C 99 3.05 -13.46 12.99
C PHE C 99 2.17 -14.55 12.38
N GLY C 100 0.85 -14.43 12.57
CA GLY C 100 -0.10 -15.17 11.76
C GLY C 100 -0.10 -14.64 10.32
N GLN C 101 -0.84 -15.32 9.44
CA GLN C 101 -0.80 -14.96 8.01
C GLN C 101 -1.82 -13.90 7.62
N GLY C 102 -2.66 -13.45 8.55
CA GLY C 102 -3.56 -12.34 8.34
C GLY C 102 -4.95 -12.78 7.96
N THR C 103 -5.94 -11.96 8.31
CA THR C 103 -7.32 -12.11 7.89
C THR C 103 -7.78 -10.79 7.26
N ARG C 104 -8.20 -10.84 6.01
CA ARG C 104 -8.65 -9.62 5.32
C ARG C 104 -10.12 -9.36 5.60
N LEU C 105 -10.41 -8.23 6.23
CA LEU C 105 -11.77 -7.88 6.58
C LEU C 105 -12.32 -6.92 5.54
N GLU C 106 -13.36 -7.35 4.85
CA GLU C 106 -14.01 -6.58 3.80
C GLU C 106 -15.38 -6.11 4.27
N ILE C 107 -15.72 -4.88 3.94
CA ILE C 107 -16.96 -4.26 4.39
C ILE C 107 -18.02 -4.44 3.32
N LYS C 108 -19.16 -5.01 3.71
CA LYS C 108 -20.31 -5.04 2.82
C LYS C 108 -20.98 -3.66 2.75
N ARG C 109 -21.56 -3.37 1.60
CA ARG C 109 -22.38 -2.18 1.47
C ARG C 109 -23.39 -2.43 0.37
N THR C 110 -24.22 -1.43 0.12
CA THR C 110 -25.21 -1.57 -0.93
C THR C 110 -24.55 -1.42 -2.30
N VAL C 111 -25.29 -1.85 -3.32
CA VAL C 111 -24.82 -1.74 -4.70
C VAL C 111 -24.64 -0.28 -5.05
N ALA C 112 -23.55 0.04 -5.74
CA ALA C 112 -23.27 1.39 -6.21
C ALA C 112 -22.75 1.30 -7.62
N ALA C 113 -23.42 1.98 -8.56
CA ALA C 113 -22.98 1.97 -9.94
C ALA C 113 -21.74 2.85 -10.11
N PRO C 114 -20.85 2.51 -11.04
CA PRO C 114 -19.68 3.35 -11.27
C PRO C 114 -20.04 4.64 -11.99
N SER C 115 -19.25 5.67 -11.70
CA SER C 115 -19.16 6.83 -12.57
C SER C 115 -18.03 6.58 -13.56
N VAL C 116 -18.28 6.81 -14.84
CA VAL C 116 -17.38 6.38 -15.91
C VAL C 116 -16.81 7.61 -16.61
N PHE C 117 -15.50 7.64 -16.77
CA PHE C 117 -14.81 8.78 -17.38
C PHE C 117 -13.76 8.27 -18.34
N ILE C 118 -13.48 9.04 -19.38
CA ILE C 118 -12.46 8.61 -20.36
C ILE C 118 -11.49 9.75 -20.61
N PHE C 119 -10.23 9.38 -20.83
CA PHE C 119 -9.12 10.32 -20.96
C PHE C 119 -8.35 10.04 -22.25
N PRO C 120 -8.39 10.95 -23.21
CA PRO C 120 -7.57 10.80 -24.42
C PRO C 120 -6.10 10.92 -24.08
N PRO C 121 -5.22 10.42 -24.95
CA PRO C 121 -3.79 10.55 -24.68
C PRO C 121 -3.34 12.01 -24.71
N SER C 122 -2.30 12.30 -23.94
CA SER C 122 -1.74 13.63 -23.86
C SER C 122 -0.88 13.90 -25.09
N ASP C 123 -0.69 15.20 -25.39
CA ASP C 123 0.22 15.57 -26.46
C ASP C 123 1.66 15.20 -26.13
N GLU C 124 2.04 15.35 -24.85
CA GLU C 124 3.36 14.91 -24.39
C GLU C 124 3.63 13.47 -24.80
N GLN C 125 2.67 12.58 -24.55
CA GLN C 125 2.89 11.16 -24.87
C GLN C 125 2.88 10.92 -26.36
N LEU C 126 1.93 11.54 -27.07
CA LEU C 126 1.85 11.36 -28.52
C LEU C 126 3.16 11.75 -29.21
N LYS C 127 3.77 12.85 -28.77
CA LYS C 127 5.05 13.23 -29.35
C LYS C 127 6.11 12.16 -29.13
N SER C 128 5.96 11.32 -28.09
CA SER C 128 6.92 10.26 -27.84
C SER C 128 6.65 9.02 -28.68
N GLY C 129 5.58 8.99 -29.47
CA GLY C 129 5.25 7.83 -30.28
C GLY C 129 4.26 6.83 -29.71
N THR C 130 3.61 7.14 -28.59
CA THR C 130 2.69 6.20 -27.95
C THR C 130 1.39 6.91 -27.57
N ALA C 131 0.28 6.17 -27.62
CA ALA C 131 -1.02 6.66 -27.18
C ALA C 131 -1.59 5.73 -26.12
N SER C 132 -1.79 6.25 -24.91
CA SER C 132 -2.52 5.55 -23.87
C SER C 132 -3.86 6.23 -23.66
N VAL C 133 -4.94 5.47 -23.74
CA VAL C 133 -6.27 5.96 -23.44
C VAL C 133 -6.67 5.33 -22.11
N VAL C 134 -7.21 6.13 -21.19
CA VAL C 134 -7.52 5.66 -19.85
C VAL C 134 -9.03 5.77 -19.61
N CYS C 135 -9.61 4.69 -19.12
CA CYS C 135 -11.01 4.64 -18.72
C CYS C 135 -11.04 4.50 -17.21
N LEU C 136 -11.80 5.37 -16.55
CA LEU C 136 -11.89 5.41 -15.09
C LEU C 136 -13.30 5.03 -14.66
N LEU C 137 -13.39 4.06 -13.75
CA LEU C 137 -14.65 3.63 -13.16
C LEU C 137 -14.57 3.99 -11.69
N ASN C 138 -15.36 4.96 -11.27
CA ASN C 138 -15.21 5.51 -9.93
C ASN C 138 -16.33 5.06 -9.02
N ASN C 139 -15.94 4.51 -7.87
CA ASN C 139 -16.78 4.36 -6.68
C ASN C 139 -18.01 3.50 -6.92
N PHE C 140 -17.72 2.22 -7.18
CA PHE C 140 -18.76 1.24 -7.40
C PHE C 140 -18.66 0.10 -6.38
N TYR C 141 -19.71 -0.70 -6.31
CA TYR C 141 -19.79 -1.87 -5.45
C TYR C 141 -20.88 -2.77 -6.00
N PRO C 142 -20.69 -4.09 -6.09
CA PRO C 142 -19.49 -4.87 -5.72
C PRO C 142 -18.30 -4.65 -6.64
N ARG C 143 -17.23 -5.38 -6.33
CA ARG C 143 -15.95 -5.21 -7.03
C ARG C 143 -16.05 -5.60 -8.50
N GLU C 144 -16.94 -6.53 -8.84
CA GLU C 144 -16.96 -7.10 -10.18
C GLU C 144 -17.48 -6.09 -11.20
N ALA C 145 -16.63 -5.71 -12.15
CA ALA C 145 -16.98 -4.83 -13.25
C ALA C 145 -16.25 -5.28 -14.50
N LYS C 146 -16.88 -5.08 -15.65
CA LYS C 146 -16.28 -5.44 -16.94
C LYS C 146 -16.08 -4.18 -17.76
N VAL C 147 -14.89 -4.03 -18.33
CA VAL C 147 -14.57 -2.94 -19.24
C VAL C 147 -14.25 -3.56 -20.60
N GLN C 148 -14.89 -3.05 -21.65
CA GLN C 148 -14.57 -3.44 -23.01
C GLN C 148 -14.12 -2.19 -23.77
N TRP C 149 -12.96 -2.28 -24.41
CA TRP C 149 -12.48 -1.22 -25.28
C TRP C 149 -12.96 -1.45 -26.70
N LYS C 150 -13.53 -0.42 -27.30
CA LYS C 150 -13.97 -0.49 -28.69
C LYS C 150 -13.29 0.64 -29.46
N VAL C 151 -12.65 0.28 -30.57
CA VAL C 151 -12.00 1.23 -31.46
C VAL C 151 -12.73 1.16 -32.79
N ASP C 152 -13.32 2.28 -33.21
CA ASP C 152 -14.22 2.31 -34.35
C ASP C 152 -15.26 1.18 -34.24
N ASN C 153 -15.80 1.02 -33.04
CA ASN C 153 -16.80 0.01 -32.70
C ASN C 153 -16.30 -1.42 -32.90
N ALA C 154 -14.99 -1.64 -32.96
CA ALA C 154 -14.41 -2.97 -32.97
C ALA C 154 -13.89 -3.32 -31.58
N LEU C 155 -14.39 -4.41 -31.01
CA LEU C 155 -13.92 -4.86 -29.71
C LEU C 155 -12.42 -5.15 -29.75
N GLN C 156 -11.71 -4.64 -28.75
CA GLN C 156 -10.27 -4.82 -28.63
C GLN C 156 -9.96 -5.96 -27.67
N SER C 157 -8.84 -6.64 -27.95
CA SER C 157 -8.27 -7.58 -27.01
C SER C 157 -6.75 -7.51 -27.06
N GLY C 158 -6.11 -7.61 -25.89
CA GLY C 158 -4.68 -7.82 -25.80
C GLY C 158 -3.81 -6.56 -25.76
N ASN C 159 -4.40 -5.36 -25.80
N ASN C 159 -4.42 -5.37 -25.79
CA ASN C 159 -3.67 -4.11 -25.74
CA ASN C 159 -3.67 -4.12 -25.76
C ASN C 159 -4.11 -3.23 -24.59
C ASN C 159 -4.09 -3.24 -24.58
N SER C 160 -4.62 -3.82 -23.51
CA SER C 160 -5.09 -3.05 -22.35
C SER C 160 -4.68 -3.75 -21.05
N GLN C 161 -4.57 -2.94 -20.00
CA GLN C 161 -4.37 -3.45 -18.64
C GLN C 161 -5.23 -2.66 -17.67
N GLU C 162 -5.65 -3.31 -16.60
CA GLU C 162 -6.48 -2.67 -15.60
C GLU C 162 -6.05 -3.09 -14.20
N SER C 163 -6.37 -2.25 -13.22
CA SER C 163 -6.25 -2.64 -11.82
C SER C 163 -7.37 -1.98 -11.02
N VAL C 164 -7.74 -2.62 -9.91
CA VAL C 164 -8.78 -2.13 -9.02
C VAL C 164 -8.12 -1.64 -7.73
N THR C 165 -8.70 -0.58 -7.14
CA THR C 165 -8.20 -0.11 -5.85
C THR C 165 -8.54 -1.11 -4.74
N GLU C 166 -7.82 -1.01 -3.63
CA GLU C 166 -8.31 -1.56 -2.38
C GLU C 166 -9.65 -0.91 -2.01
N GLN C 167 -10.38 -1.57 -1.12
CA GLN C 167 -11.68 -1.05 -0.74
C GLN C 167 -11.52 0.31 -0.06
N ASP C 168 -12.42 1.24 -0.39
CA ASP C 168 -12.30 2.61 0.12
C ASP C 168 -12.70 2.69 1.59
N SER C 169 -11.82 3.28 2.41
CA SER C 169 -12.04 3.28 3.86
C SER C 169 -13.21 4.16 4.30
N LYS C 170 -13.69 5.05 3.44
CA LYS C 170 -14.78 5.96 3.81
C LYS C 170 -16.15 5.48 3.35
N ASP C 171 -16.26 4.97 2.13
CA ASP C 171 -17.56 4.55 1.59
C ASP C 171 -17.57 3.10 1.13
N SER C 172 -16.48 2.36 1.34
CA SER C 172 -16.42 0.92 1.06
C SER C 172 -16.61 0.58 -0.41
N THR C 173 -16.40 1.56 -1.30
CA THR C 173 -16.51 1.32 -2.73
C THR C 173 -15.17 0.90 -3.33
N TYR C 174 -15.21 0.56 -4.62
CA TYR C 174 -14.02 0.27 -5.40
C TYR C 174 -13.98 1.24 -6.57
N SER C 175 -12.77 1.43 -7.09
CA SER C 175 -12.59 2.16 -8.34
C SER C 175 -11.68 1.34 -9.23
N LEU C 176 -11.81 1.53 -10.55
CA LEU C 176 -11.06 0.73 -11.50
C LEU C 176 -10.50 1.63 -12.58
N SER C 177 -9.24 1.38 -12.94
CA SER C 177 -8.54 2.11 -14.00
C SER C 177 -8.07 1.10 -15.04
N SER C 178 -8.35 1.40 -16.31
CA SER C 178 -8.00 0.56 -17.45
C SER C 178 -7.30 1.42 -18.49
N THR C 179 -6.12 0.99 -18.94
CA THR C 179 -5.34 1.72 -19.94
C THR C 179 -5.29 0.90 -21.22
N LEU C 180 -5.74 1.50 -22.32
CA LEU C 180 -5.51 0.96 -23.66
C LEU C 180 -4.30 1.67 -24.26
N THR C 181 -3.28 0.90 -24.65
CA THR C 181 -2.06 1.51 -25.17
C THR C 181 -1.84 1.05 -26.61
N LEU C 182 -1.72 2.01 -27.53
CA LEU C 182 -1.37 1.73 -28.91
C LEU C 182 -0.17 2.59 -29.30
N SER C 183 0.57 2.12 -30.30
CA SER C 183 1.55 2.96 -30.95
C SER C 183 0.87 4.20 -31.52
N LYS C 184 1.62 5.29 -31.67
CA LYS C 184 1.05 6.48 -32.29
C LYS C 184 0.51 6.15 -33.68
N ALA C 185 1.28 5.38 -34.46
CA ALA C 185 0.86 5.09 -35.84
C ALA C 185 -0.46 4.34 -35.87
N ASP C 186 -0.65 3.38 -34.95
CA ASP C 186 -1.92 2.66 -34.90
C ASP C 186 -3.04 3.55 -34.36
N TYR C 187 -2.74 4.37 -33.37
CA TYR C 187 -3.73 5.33 -32.86
C TYR C 187 -4.29 6.18 -33.99
N GLU C 188 -3.42 6.70 -34.85
CA GLU C 188 -3.83 7.58 -35.93
C GLU C 188 -4.54 6.84 -37.06
N LYS C 189 -4.70 5.52 -36.98
CA LYS C 189 -5.39 4.77 -38.02
C LYS C 189 -6.88 4.67 -37.76
N HIS C 190 -7.36 5.11 -36.60
CA HIS C 190 -8.77 5.00 -36.25
C HIS C 190 -9.27 6.32 -35.68
N LYS C 191 -10.60 6.41 -35.58
CA LYS C 191 -11.27 7.64 -35.21
C LYS C 191 -11.92 7.55 -33.83
N VAL C 192 -12.79 6.57 -33.59
CA VAL C 192 -13.62 6.52 -32.39
C VAL C 192 -12.98 5.62 -31.35
N TYR C 193 -12.75 6.16 -30.15
CA TYR C 193 -12.22 5.39 -29.03
C TYR C 193 -13.24 5.39 -27.90
N ALA C 194 -13.61 4.20 -27.44
CA ALA C 194 -14.69 4.09 -26.47
C ALA C 194 -14.35 3.02 -25.43
N CYS C 195 -14.86 3.20 -24.21
CA CYS C 195 -14.93 2.10 -23.26
C CYS C 195 -16.38 1.88 -22.86
N GLU C 196 -16.79 0.61 -22.87
CA GLU C 196 -18.12 0.19 -22.49
C GLU C 196 -18.03 -0.52 -21.15
N VAL C 197 -18.87 -0.10 -20.21
CA VAL C 197 -18.78 -0.58 -18.84
C VAL C 197 -20.07 -1.30 -18.48
N THR C 198 -19.93 -2.50 -17.95
CA THR C 198 -21.03 -3.30 -17.43
C THR C 198 -20.83 -3.46 -15.92
N HIS C 199 -21.92 -3.37 -15.17
CA HIS C 199 -21.86 -3.52 -13.73
C HIS C 199 -23.25 -3.79 -13.21
N GLN C 200 -23.32 -4.52 -12.09
CA GLN C 200 -24.61 -4.84 -11.48
C GLN C 200 -25.45 -3.58 -11.24
N GLY C 201 -24.80 -2.46 -10.90
CA GLY C 201 -25.50 -1.24 -10.60
C GLY C 201 -26.05 -0.48 -11.78
N LEU C 202 -25.71 -0.90 -13.00
CA LEU C 202 -26.17 -0.25 -14.21
C LEU C 202 -27.22 -1.12 -14.89
N SER C 203 -28.37 -0.52 -15.23
CA SER C 203 -29.40 -1.28 -15.93
C SER C 203 -28.93 -1.70 -17.32
N SER C 204 -28.18 -0.84 -17.99
CA SER C 204 -27.62 -1.11 -19.30
C SER C 204 -26.19 -0.58 -19.29
N PRO C 205 -25.34 -1.08 -20.19
CA PRO C 205 -23.94 -0.64 -20.20
C PRO C 205 -23.81 0.85 -20.46
N VAL C 206 -22.74 1.42 -19.92
CA VAL C 206 -22.41 2.83 -20.09
C VAL C 206 -21.19 2.93 -20.99
N THR C 207 -21.29 3.76 -22.03
CA THR C 207 -20.22 3.94 -23.00
C THR C 207 -19.75 5.40 -22.97
N LYS C 208 -18.46 5.60 -22.74
CA LYS C 208 -17.82 6.90 -22.90
C LYS C 208 -16.90 6.84 -24.12
N SER C 209 -16.98 7.88 -24.97
CA SER C 209 -16.18 7.87 -26.19
C SER C 209 -15.76 9.28 -26.56
N PHE C 210 -14.70 9.34 -27.36
CA PHE C 210 -14.26 10.55 -28.03
C PHE C 210 -13.75 10.19 -29.42
N ASN C 211 -13.66 11.20 -30.27
CA ASN C 211 -13.03 11.09 -31.58
C ASN C 211 -11.62 11.65 -31.51
N ARG C 212 -10.67 10.92 -32.08
CA ARG C 212 -9.27 11.32 -32.02
C ARG C 212 -9.05 12.75 -32.52
N GLY C 213 -9.81 13.18 -33.52
CA GLY C 213 -9.67 14.55 -34.01
C GLY C 213 -10.26 15.64 -33.14
N GLU C 214 -11.12 15.32 -32.17
CA GLU C 214 -11.81 16.36 -31.40
C GLU C 214 -11.06 16.79 -30.15
N CYS C 215 -10.26 15.90 -29.56
CA CYS C 215 -9.55 16.24 -28.33
C CYS C 215 -8.05 16.40 -28.57
#